data_7HNQ
#
_entry.id   7HNQ
#
_cell.length_a   95.389
_cell.length_b   95.389
_cell.length_c   45.741
_cell.angle_alpha   90.000
_cell.angle_beta   90.000
_cell.angle_gamma   90.000
#
_symmetry.space_group_name_H-M   'I 4'
#
loop_
_entity.id
_entity.type
_entity.pdbx_description
1 polymer 'E3 ubiquitin-protein ligase TRIM21'
2 non-polymer 1,2-ETHANEDIOL
3 non-polymer cyclopropyl-[4-(4-fluorophenyl)piperazin-1-yl]methanone
4 non-polymer '4-(2-HYDROXYETHYL)-1-PIPERAZINE ETHANESULFONIC ACID'
5 non-polymer 'SULFATE ION'
6 water water
#
_entity_poly.entity_id   1
_entity_poly.type   'polypeptide(L)'
_entity_poly.pdbx_seq_one_letter_code
;MHHHHHHMVHITLDRNTANSWLIISKDRRQVRMGDTHQNVSDNKERFSNYPMVLGAQRFSSGKMYWEVDVTQKEAWDLGV
CRDSVQRKGQFSLSPENGFWTIWLWQDSYEAGTSPQTTLHIQVPPCQIGIFVDYEAGVVSFYNITDHGSLIYTFSECVFA
GPLRPFFNVGFNYSGGNAAPLKLCPLKM
;
_entity_poly.pdbx_strand_id   B
#
loop_
_chem_comp.id
_chem_comp.type
_chem_comp.name
_chem_comp.formula
EDO non-polymer 1,2-ETHANEDIOL 'C2 H6 O2'
EPE non-polymer '4-(2-HYDROXYETHYL)-1-PIPERAZINE ETHANESULFONIC ACID' 'C8 H18 N2 O4 S'
GX4 non-polymer cyclopropyl-[4-(4-fluorophenyl)piperazin-1-yl]methanone 'C14 H17 F N2 O'
SO4 non-polymer 'SULFATE ION' 'O4 S -2'
#
# COMPACT_ATOMS: atom_id res chain seq x y z
N HIS A 2 -8.69 -17.95 3.93
CA HIS A 2 -9.71 -16.90 3.57
C HIS A 2 -10.34 -17.25 2.22
N HIS A 3 -11.60 -16.84 2.02
CA HIS A 3 -12.40 -17.04 0.77
C HIS A 3 -12.81 -15.68 0.21
N HIS A 4 -11.87 -14.72 0.15
CA HIS A 4 -12.08 -13.29 -0.26
C HIS A 4 -11.73 -13.09 -1.73
N HIS A 5 -11.07 -14.06 -2.37
CA HIS A 5 -10.52 -13.99 -3.75
C HIS A 5 -11.58 -13.53 -4.77
N HIS A 6 -12.86 -13.92 -4.58
CA HIS A 6 -14.00 -13.63 -5.50
C HIS A 6 -14.40 -12.14 -5.51
N HIS A 7 -13.91 -11.32 -4.57
CA HIS A 7 -14.09 -9.83 -4.60
C HIS A 7 -12.92 -9.15 -5.28
N MET A 8 -12.13 -9.91 -6.03
CA MET A 8 -10.93 -9.39 -6.76
C MET A 8 -11.28 -8.16 -7.62
N VAL A 9 -10.45 -7.13 -7.54
CA VAL A 9 -10.59 -5.89 -8.34
C VAL A 9 -9.26 -5.66 -9.09
N HIS A 10 -9.33 -5.06 -10.27
CA HIS A 10 -8.15 -4.80 -11.12
C HIS A 10 -7.65 -3.39 -10.76
N ILE A 11 -6.56 -3.33 -9.99
CA ILE A 11 -6.03 -2.02 -9.53
C ILE A 11 -4.99 -1.57 -10.56
N THR A 12 -4.96 -0.28 -10.81
CA THR A 12 -3.88 0.38 -11.60
C THR A 12 -3.36 1.58 -10.82
N LEU A 13 -2.11 1.98 -11.06
CA LEU A 13 -1.47 3.08 -10.33
C LEU A 13 -1.77 4.41 -11.02
N ASP A 14 -1.93 5.45 -10.24
CA ASP A 14 -2.21 6.82 -10.70
C ASP A 14 -0.87 7.60 -10.70
N ARG A 15 -0.29 7.72 -11.90
N ARG A 15 -0.28 7.73 -11.89
CA ARG A 15 0.98 8.45 -12.18
CA ARG A 15 1.03 8.42 -12.09
C ARG A 15 0.99 9.83 -11.52
C ARG A 15 1.00 9.84 -11.51
N ASN A 16 -0.16 10.52 -11.50
CA ASN A 16 -0.22 11.93 -11.08
C ASN A 16 0.01 12.06 -9.57
N THR A 17 -0.23 11.00 -8.79
CA THR A 17 -0.04 10.98 -7.33
C THR A 17 1.37 10.56 -6.95
N ALA A 18 2.15 10.02 -7.89
CA ALA A 18 3.45 9.39 -7.56
C ALA A 18 4.47 10.43 -7.14
N ASN A 19 5.29 10.09 -6.14
CA ASN A 19 6.56 10.80 -5.91
C ASN A 19 7.31 10.89 -7.26
N SER A 20 8.00 11.99 -7.49
CA SER A 20 8.66 12.30 -8.78
C SER A 20 9.83 11.37 -9.08
N TRP A 21 10.30 10.54 -8.15
CA TRP A 21 11.38 9.55 -8.37
C TRP A 21 10.85 8.19 -8.75
N LEU A 22 9.50 8.02 -8.78
CA LEU A 22 8.95 6.68 -9.08
C LEU A 22 8.87 6.47 -10.60
N ILE A 23 9.02 5.21 -10.97
CA ILE A 23 8.84 4.71 -12.36
C ILE A 23 7.73 3.68 -12.35
N ILE A 24 6.64 4.06 -13.01
CA ILE A 24 5.43 3.19 -13.15
C ILE A 24 5.47 2.56 -14.52
N SER A 25 5.20 1.25 -14.58
CA SER A 25 5.25 0.51 -15.86
C SER A 25 4.11 0.99 -16.78
N LYS A 26 4.27 0.73 -18.09
CA LYS A 26 3.28 1.10 -19.14
C LYS A 26 1.88 0.59 -18.78
N ASP A 27 1.80 -0.62 -18.23
CA ASP A 27 0.49 -1.25 -17.87
C ASP A 27 -0.05 -0.68 -16.56
N ARG A 28 0.71 0.18 -15.88
CA ARG A 28 0.27 0.83 -14.62
C ARG A 28 0.07 -0.24 -13.52
N ARG A 29 0.77 -1.36 -13.60
CA ARG A 29 0.65 -2.44 -12.60
C ARG A 29 1.93 -2.65 -11.77
N GLN A 30 3.03 -1.97 -12.09
CA GLN A 30 4.31 -2.10 -11.37
C GLN A 30 4.89 -0.72 -11.09
N VAL A 31 5.58 -0.61 -9.96
CA VAL A 31 6.25 0.67 -9.59
C VAL A 31 7.57 0.33 -8.91
N ARG A 32 8.59 1.11 -9.21
CA ARG A 32 9.88 1.01 -8.50
C ARG A 32 10.48 2.41 -8.33
N MET A 33 11.44 2.47 -7.40
N MET A 33 11.40 2.54 -7.38
CA MET A 33 12.24 3.67 -7.10
CA MET A 33 12.08 3.84 -7.13
C MET A 33 13.25 3.87 -8.25
C MET A 33 13.26 3.96 -8.08
N GLY A 34 13.26 5.06 -8.85
CA GLY A 34 14.30 5.42 -9.83
C GLY A 34 15.55 5.92 -9.12
N ASP A 35 16.66 5.99 -9.87
CA ASP A 35 17.95 6.43 -9.23
C ASP A 35 18.04 7.97 -9.30
N THR A 36 17.00 8.66 -9.79
CA THR A 36 16.97 10.15 -9.93
C THR A 36 15.53 10.67 -10.09
N HIS A 37 15.32 11.98 -10.15
CA HIS A 37 14.03 12.63 -10.57
C HIS A 37 13.64 12.11 -11.95
N GLN A 38 12.36 11.73 -12.15
CA GLN A 38 11.88 11.11 -13.39
C GLN A 38 11.34 12.13 -14.43
N ASN A 39 11.68 13.40 -14.29
CA ASN A 39 11.51 14.41 -15.39
C ASN A 39 10.03 14.72 -15.59
N VAL A 40 9.24 14.73 -14.51
CA VAL A 40 7.80 15.10 -14.50
C VAL A 40 7.64 16.47 -13.83
N SER A 41 6.58 17.19 -14.14
CA SER A 41 6.21 18.44 -13.40
C SER A 41 5.68 18.12 -12.01
N ASP A 42 5.78 19.06 -11.07
CA ASP A 42 5.25 18.94 -9.70
C ASP A 42 3.76 19.29 -9.78
N ASN A 43 3.00 18.79 -8.82
CA ASN A 43 1.54 19.02 -8.73
C ASN A 43 1.16 18.79 -7.26
N LYS A 44 -0.04 19.22 -6.88
CA LYS A 44 -0.44 19.19 -5.46
C LYS A 44 -0.77 17.74 -5.04
N GLU A 45 -0.97 16.83 -5.99
CA GLU A 45 -1.32 15.40 -5.67
C GLU A 45 -0.06 14.64 -5.23
N ARG A 46 1.12 14.97 -5.76
CA ARG A 46 2.30 14.08 -5.58
C ARG A 46 2.73 13.98 -4.12
N PHE A 47 3.01 12.78 -3.62
CA PHE A 47 3.66 12.63 -2.33
C PHE A 47 5.09 13.21 -2.43
N SER A 48 5.43 14.16 -1.58
CA SER A 48 6.74 14.86 -1.70
C SER A 48 7.83 14.16 -0.91
N ASN A 49 7.60 13.67 0.29
CA ASN A 49 8.68 13.29 1.23
C ASN A 49 9.06 11.82 1.10
N TYR A 50 8.19 10.99 0.52
CA TYR A 50 8.36 9.52 0.58
C TYR A 50 8.03 8.96 -0.79
N PRO A 51 8.53 7.73 -1.09
CA PRO A 51 8.31 7.09 -2.39
C PRO A 51 6.95 6.38 -2.54
N MET A 52 5.89 7.19 -2.38
CA MET A 52 4.48 6.72 -2.29
C MET A 52 3.70 7.05 -3.57
N VAL A 53 2.67 6.23 -3.84
CA VAL A 53 1.75 6.42 -5.00
C VAL A 53 0.40 5.80 -4.60
N LEU A 54 -0.68 6.31 -5.19
CA LEU A 54 -2.04 5.75 -4.99
C LEU A 54 -2.51 4.97 -6.19
N GLY A 55 -3.37 3.99 -5.95
CA GLY A 55 -4.17 3.40 -7.03
C GLY A 55 -5.13 4.44 -7.59
N ALA A 56 -5.54 4.26 -8.83
CA ALA A 56 -6.50 5.15 -9.51
C ALA A 56 -7.92 4.93 -8.99
N GLN A 57 -8.21 3.72 -8.54
CA GLN A 57 -9.58 3.34 -8.18
C GLN A 57 -9.93 4.03 -6.85
N ARG A 58 -11.20 4.47 -6.71
CA ARG A 58 -11.78 4.99 -5.46
C ARG A 58 -12.90 4.05 -5.01
N PHE A 59 -12.95 3.71 -3.75
CA PHE A 59 -13.96 2.77 -3.22
C PHE A 59 -14.75 3.48 -2.12
N SER A 60 -16.08 3.49 -2.20
N SER A 60 -16.09 3.51 -2.21
CA SER A 60 -16.95 4.12 -1.16
CA SER A 60 -16.97 4.11 -1.18
C SER A 60 -17.97 3.10 -0.62
C SER A 60 -18.06 3.13 -0.74
N SER A 61 -18.00 1.88 -1.16
N SER A 61 -17.90 1.85 -1.04
CA SER A 61 -18.91 0.80 -0.72
CA SER A 61 -18.89 0.80 -0.71
C SER A 61 -18.31 -0.56 -1.05
C SER A 61 -18.38 -0.57 -1.13
N GLY A 62 -18.93 -1.63 -0.54
CA GLY A 62 -18.68 -3.01 -1.00
C GLY A 62 -17.41 -3.64 -0.41
N LYS A 63 -17.09 -4.79 -0.99
CA LYS A 63 -15.94 -5.61 -0.63
C LYS A 63 -15.00 -5.64 -1.83
N MET A 64 -13.71 -5.43 -1.56
CA MET A 64 -12.63 -5.36 -2.56
C MET A 64 -11.44 -6.18 -2.09
N TYR A 65 -10.74 -6.81 -3.00
CA TYR A 65 -9.57 -7.66 -2.72
C TYR A 65 -8.57 -7.46 -3.83
N TRP A 66 -7.30 -7.30 -3.48
CA TRP A 66 -6.23 -7.33 -4.48
C TRP A 66 -4.95 -7.93 -3.85
N GLU A 67 -3.94 -8.23 -4.68
CA GLU A 67 -2.67 -8.85 -4.22
C GLU A 67 -1.48 -8.07 -4.76
N VAL A 68 -0.46 -7.95 -3.92
CA VAL A 68 0.77 -7.22 -4.27
C VAL A 68 1.99 -8.11 -4.06
N ASP A 69 2.90 -8.12 -5.04
CA ASP A 69 4.19 -8.86 -4.98
C ASP A 69 5.24 -7.95 -4.37
N VAL A 70 5.89 -8.42 -3.30
CA VAL A 70 6.95 -7.69 -2.54
C VAL A 70 8.29 -8.43 -2.59
N THR A 71 8.45 -9.38 -3.52
CA THR A 71 9.63 -10.25 -3.60
C THR A 71 10.92 -9.41 -3.53
N GLN A 72 11.82 -9.80 -2.61
CA GLN A 72 13.20 -9.28 -2.41
C GLN A 72 13.26 -7.83 -1.94
N LYS A 73 12.14 -7.24 -1.56
CA LYS A 73 12.23 -5.89 -0.97
C LYS A 73 12.62 -5.96 0.51
N GLU A 74 13.39 -4.99 0.95
CA GLU A 74 13.82 -4.81 2.35
C GLU A 74 12.84 -3.90 3.10
N ALA A 75 12.09 -3.08 2.38
CA ALA A 75 11.23 -2.05 3.02
C ALA A 75 10.09 -1.69 2.07
N TRP A 76 8.89 -1.47 2.63
CA TRP A 76 7.68 -1.11 1.86
C TRP A 76 6.55 -0.85 2.85
N ASP A 77 5.56 -0.09 2.40
CA ASP A 77 4.26 0.08 3.12
C ASP A 77 3.16 -0.33 2.13
N LEU A 78 2.09 -0.97 2.59
CA LEU A 78 0.93 -1.33 1.74
C LEU A 78 -0.34 -1.14 2.54
N GLY A 79 -1.40 -0.78 1.83
CA GLY A 79 -2.75 -0.84 2.43
C GLY A 79 -3.71 0.04 1.65
N VAL A 80 -4.56 0.78 2.37
N VAL A 80 -4.47 0.87 2.36
CA VAL A 80 -5.50 1.78 1.79
CA VAL A 80 -5.51 1.73 1.75
C VAL A 80 -5.35 3.10 2.54
C VAL A 80 -5.54 3.03 2.56
N CYS A 81 -5.87 4.16 1.93
CA CYS A 81 -5.93 5.45 2.62
C CYS A 81 -7.11 6.25 2.12
N ARG A 82 -7.47 7.27 2.89
N ARG A 82 -7.49 7.26 2.89
CA ARG A 82 -8.48 8.25 2.45
CA ARG A 82 -8.55 8.20 2.48
C ARG A 82 -8.00 8.96 1.19
C ARG A 82 -8.04 9.02 1.28
N ASP A 83 -8.93 9.34 0.31
CA ASP A 83 -8.53 10.14 -0.87
C ASP A 83 -7.96 11.48 -0.40
N SER A 84 -8.32 12.00 0.78
CA SER A 84 -7.95 13.36 1.25
C SER A 84 -6.69 13.35 2.14
N VAL A 85 -5.90 12.26 2.19
CA VAL A 85 -4.67 12.26 3.01
C VAL A 85 -3.73 13.38 2.55
N GLN A 86 -2.99 13.88 3.52
CA GLN A 86 -1.87 14.85 3.31
C GLN A 86 -0.86 14.27 2.30
N ARG A 87 -0.38 15.10 1.38
CA ARG A 87 0.58 14.67 0.32
C ARG A 87 1.96 15.28 0.62
N LYS A 88 2.04 16.46 1.24
CA LYS A 88 3.29 17.24 1.35
C LYS A 88 3.80 17.22 2.77
N GLY A 89 5.11 17.15 2.93
CA GLY A 89 5.73 17.20 4.26
C GLY A 89 5.75 15.87 4.98
N GLN A 90 6.10 15.91 6.27
CA GLN A 90 6.28 14.70 7.10
C GLN A 90 4.95 14.35 7.77
N PHE A 91 4.65 13.06 7.84
CA PHE A 91 3.45 12.54 8.56
C PHE A 91 3.69 11.08 8.92
N SER A 92 2.97 10.58 9.94
N SER A 92 2.95 10.61 9.93
CA SER A 92 2.99 9.15 10.31
CA SER A 92 2.93 9.19 10.36
C SER A 92 1.83 8.43 9.64
C SER A 92 1.82 8.45 9.61
N LEU A 93 2.04 7.16 9.33
CA LEU A 93 0.97 6.28 8.80
C LEU A 93 0.14 5.81 10.00
N SER A 94 -1.09 6.34 10.15
CA SER A 94 -1.97 5.96 11.26
C SER A 94 -3.40 6.15 10.81
N PRO A 95 -4.35 5.43 11.42
CA PRO A 95 -5.76 5.65 11.11
C PRO A 95 -6.19 7.09 11.40
N GLU A 96 -5.59 7.74 12.40
CA GLU A 96 -5.93 9.16 12.69
C GLU A 96 -5.59 10.06 11.50
N ASN A 97 -4.54 9.71 10.76
CA ASN A 97 -4.12 10.48 9.57
C ASN A 97 -4.77 9.93 8.29
N GLY A 98 -5.62 8.90 8.37
CA GLY A 98 -6.33 8.41 7.19
C GLY A 98 -5.64 7.25 6.47
N PHE A 99 -4.80 6.47 7.17
CA PHE A 99 -4.10 5.30 6.57
C PHE A 99 -4.38 4.02 7.34
N TRP A 100 -4.58 2.91 6.62
CA TRP A 100 -4.77 1.55 7.16
C TRP A 100 -3.74 0.67 6.44
N THR A 101 -2.58 0.50 7.08
CA THR A 101 -1.38 -0.03 6.38
C THR A 101 -0.62 -1.01 7.28
N ILE A 102 0.18 -1.86 6.63
CA ILE A 102 1.29 -2.62 7.28
C ILE A 102 2.56 -2.29 6.53
N TRP A 103 3.67 -2.69 7.14
CA TRP A 103 4.97 -2.45 6.50
C TRP A 103 6.01 -3.43 6.95
N LEU A 104 7.07 -3.48 6.12
CA LEU A 104 8.34 -4.14 6.45
C LEU A 104 9.38 -3.04 6.63
N TRP A 105 10.20 -3.16 7.68
CA TRP A 105 11.27 -2.20 7.96
C TRP A 105 12.30 -2.86 8.86
N GLN A 106 13.56 -2.94 8.41
CA GLN A 106 14.66 -3.49 9.28
C GLN A 106 14.28 -4.85 9.82
N ASP A 107 13.88 -5.74 8.95
CA ASP A 107 13.68 -7.16 9.29
C ASP A 107 12.50 -7.37 10.27
N SER A 108 11.65 -6.38 10.48
CA SER A 108 10.40 -6.59 11.27
C SER A 108 9.16 -6.13 10.48
N TYR A 109 8.05 -6.82 10.66
CA TYR A 109 6.75 -6.42 10.06
C TYR A 109 5.92 -5.76 11.15
N GLU A 110 5.27 -4.64 10.83
N GLU A 110 5.28 -4.64 10.82
CA GLU A 110 4.44 -3.90 11.82
CA GLU A 110 4.46 -3.85 11.76
C GLU A 110 3.18 -3.34 11.15
C GLU A 110 3.13 -3.46 11.11
N ALA A 111 2.09 -3.27 11.93
CA ALA A 111 0.87 -2.61 11.48
C ALA A 111 0.93 -1.13 11.87
N GLY A 112 0.47 -0.28 10.97
CA GLY A 112 0.46 1.20 11.10
C GLY A 112 -0.59 1.68 12.06
N THR A 113 -0.63 1.18 13.27
CA THR A 113 -1.43 1.78 14.34
C THR A 113 -0.60 2.88 15.02
N SER A 114 -1.19 3.65 15.95
CA SER A 114 -0.43 4.66 16.70
C SER A 114 -0.52 4.37 18.20
N PRO A 115 0.55 3.86 18.82
CA PRO A 115 1.81 3.53 18.16
C PRO A 115 1.72 2.20 17.42
N GLN A 116 2.74 1.89 16.65
CA GLN A 116 2.74 0.73 15.73
C GLN A 116 2.67 -0.60 16.50
N THR A 117 2.12 -1.62 15.85
CA THR A 117 1.89 -2.96 16.41
C THR A 117 2.83 -3.96 15.76
N THR A 118 3.57 -4.73 16.54
CA THR A 118 4.38 -5.87 16.07
C THR A 118 3.51 -6.95 15.42
N LEU A 119 3.88 -7.41 14.23
CA LEU A 119 3.22 -8.53 13.54
C LEU A 119 4.06 -9.79 13.79
N HIS A 120 3.44 -10.95 13.76
CA HIS A 120 4.06 -12.26 14.02
C HIS A 120 3.97 -13.05 12.74
N ILE A 121 4.99 -13.01 11.93
CA ILE A 121 4.99 -13.67 10.61
C ILE A 121 6.10 -14.75 10.64
N GLN A 122 5.73 -16.00 10.48
CA GLN A 122 6.71 -17.13 10.51
C GLN A 122 7.32 -17.31 9.11
N VAL A 123 6.53 -17.09 8.06
CA VAL A 123 6.97 -17.26 6.64
C VAL A 123 7.02 -15.90 5.95
N PRO A 124 8.20 -15.28 5.71
CA PRO A 124 8.27 -13.94 5.13
C PRO A 124 7.50 -13.94 3.83
N PRO A 125 6.51 -13.06 3.66
CA PRO A 125 5.67 -13.08 2.47
C PRO A 125 6.37 -12.57 1.20
N CYS A 126 6.10 -13.23 0.08
CA CYS A 126 6.49 -12.73 -1.25
C CYS A 126 5.29 -12.03 -1.90
N GLN A 127 4.06 -12.39 -1.52
N GLN A 127 4.09 -12.32 -1.38
CA GLN A 127 2.82 -11.68 -2.01
CA GLN A 127 2.82 -11.79 -1.92
C GLN A 127 1.84 -11.51 -0.84
C GLN A 127 1.90 -11.48 -0.73
N ILE A 128 1.21 -10.34 -0.81
CA ILE A 128 0.31 -9.85 0.28
C ILE A 128 -1.06 -9.69 -0.37
N GLY A 129 -2.08 -10.22 0.29
CA GLY A 129 -3.48 -9.96 -0.09
C GLY A 129 -4.10 -8.93 0.82
N ILE A 130 -4.81 -7.96 0.22
CA ILE A 130 -5.47 -6.84 0.94
C ILE A 130 -6.97 -6.90 0.68
N PHE A 131 -7.74 -7.01 1.74
CA PHE A 131 -9.22 -7.09 1.71
C PHE A 131 -9.79 -5.88 2.44
N VAL A 132 -10.75 -5.23 1.80
CA VAL A 132 -11.47 -4.07 2.39
C VAL A 132 -12.98 -4.36 2.34
N ASP A 133 -13.61 -4.33 3.49
CA ASP A 133 -15.10 -4.32 3.59
C ASP A 133 -15.52 -2.94 4.08
N TYR A 134 -15.99 -2.12 3.15
CA TYR A 134 -16.32 -0.71 3.45
C TYR A 134 -17.41 -0.60 4.53
N GLU A 135 -18.48 -1.35 4.33
CA GLU A 135 -19.65 -1.22 5.24
C GLU A 135 -19.27 -1.71 6.62
N ALA A 136 -18.52 -2.81 6.71
CA ALA A 136 -18.13 -3.40 8.01
C ALA A 136 -17.03 -2.59 8.71
N GLY A 137 -16.31 -1.72 8.00
CA GLY A 137 -15.20 -0.98 8.59
C GLY A 137 -14.01 -1.90 8.85
N VAL A 138 -13.65 -2.74 7.89
CA VAL A 138 -12.55 -3.73 8.06
C VAL A 138 -11.52 -3.59 6.94
N VAL A 139 -10.24 -3.66 7.32
CA VAL A 139 -9.12 -3.85 6.37
C VAL A 139 -8.25 -5.02 6.89
N SER A 140 -8.12 -6.07 6.10
CA SER A 140 -7.35 -7.26 6.45
C SER A 140 -6.23 -7.53 5.46
N PHE A 141 -5.17 -8.13 5.98
CA PHE A 141 -3.94 -8.46 5.24
C PHE A 141 -3.70 -9.95 5.38
N TYR A 142 -3.33 -10.58 4.26
CA TYR A 142 -3.16 -12.05 4.17
C TYR A 142 -1.78 -12.37 3.58
N ASN A 143 -1.18 -13.45 4.04
CA ASN A 143 0.16 -13.94 3.60
C ASN A 143 -0.08 -14.97 2.49
N ILE A 144 0.05 -14.61 1.23
CA ILE A 144 -0.34 -15.50 0.11
C ILE A 144 0.72 -16.63 0.07
N THR A 145 1.95 -16.32 0.44
CA THR A 145 3.08 -17.31 0.43
C THR A 145 2.78 -18.44 1.42
N ASP A 146 2.13 -18.15 2.53
CA ASP A 146 1.75 -19.10 3.63
C ASP A 146 0.26 -19.48 3.56
N HIS A 147 -0.23 -19.86 2.39
CA HIS A 147 -1.59 -20.45 2.21
C HIS A 147 -2.65 -19.42 2.65
N GLY A 148 -2.38 -18.12 2.53
CA GLY A 148 -3.41 -17.11 2.81
C GLY A 148 -3.59 -16.82 4.28
N SER A 149 -2.63 -17.14 5.13
CA SER A 149 -2.76 -16.99 6.61
C SER A 149 -2.97 -15.50 6.97
N LEU A 150 -3.78 -15.23 7.98
CA LEU A 150 -4.01 -13.81 8.39
C LEU A 150 -2.75 -13.20 8.97
N ILE A 151 -2.45 -11.99 8.50
CA ILE A 151 -1.40 -11.13 9.07
C ILE A 151 -2.00 -10.15 10.09
N TYR A 152 -3.01 -9.39 9.68
CA TYR A 152 -3.54 -8.32 10.57
C TYR A 152 -4.92 -7.92 10.07
N THR A 153 -5.78 -7.56 11.03
CA THR A 153 -7.13 -6.99 10.76
C THR A 153 -7.29 -5.68 11.55
N PHE A 154 -7.49 -4.58 10.82
CA PHE A 154 -8.03 -3.30 11.37
C PHE A 154 -9.54 -3.44 11.37
N SER A 155 -10.14 -3.32 12.56
CA SER A 155 -11.61 -3.29 12.62
C SER A 155 -12.06 -2.00 13.28
N GLU A 156 -13.39 -1.76 13.22
CA GLU A 156 -13.97 -0.47 13.69
C GLU A 156 -13.30 0.71 12.96
N CYS A 157 -12.99 0.53 11.67
CA CYS A 157 -12.29 1.59 10.92
C CYS A 157 -13.26 2.75 10.69
N VAL A 158 -12.77 3.97 10.81
CA VAL A 158 -13.58 5.17 10.49
C VAL A 158 -13.01 5.76 9.20
N PHE A 159 -13.44 5.25 8.05
CA PHE A 159 -12.85 5.64 6.74
C PHE A 159 -13.03 7.13 6.51
N ALA A 160 -14.26 7.61 6.71
CA ALA A 160 -14.58 9.05 6.65
C ALA A 160 -14.35 9.63 5.25
N GLY A 161 -14.45 8.83 4.21
CA GLY A 161 -14.28 9.26 2.81
C GLY A 161 -14.03 8.11 1.87
N PRO A 162 -13.93 8.41 0.57
CA PRO A 162 -13.52 7.42 -0.41
C PRO A 162 -12.12 6.91 -0.06
N LEU A 163 -11.91 5.64 -0.33
CA LEU A 163 -10.60 4.97 -0.10
C LEU A 163 -9.87 4.80 -1.42
N ARG A 164 -8.54 4.87 -1.37
CA ARG A 164 -7.67 4.52 -2.50
C ARG A 164 -6.63 3.49 -2.08
N PRO A 165 -6.27 2.55 -2.98
CA PRO A 165 -5.12 1.66 -2.71
C PRO A 165 -3.87 2.52 -2.49
N PHE A 166 -3.02 2.13 -1.51
CA PHE A 166 -1.86 2.91 -1.07
C PHE A 166 -0.60 2.05 -1.16
N PHE A 167 0.49 2.63 -1.68
CA PHE A 167 1.76 1.89 -1.89
C PHE A 167 2.91 2.80 -1.45
N ASN A 168 3.96 2.21 -0.87
CA ASN A 168 5.26 2.88 -0.66
C ASN A 168 6.34 1.85 -1.04
N VAL A 169 7.14 2.15 -2.07
CA VAL A 169 8.20 1.21 -2.49
C VAL A 169 9.39 1.28 -1.51
N GLY A 170 9.44 2.31 -0.68
CA GLY A 170 10.59 2.51 0.23
C GLY A 170 11.79 3.13 -0.45
N PHE A 171 12.66 3.71 0.38
CA PHE A 171 13.96 4.25 -0.10
C PHE A 171 14.88 3.09 -0.44
N ASN A 172 15.96 3.43 -1.11
CA ASN A 172 16.99 2.43 -1.49
C ASN A 172 18.35 3.01 -1.11
N TYR A 173 18.54 3.38 0.15
CA TYR A 173 19.87 3.81 0.68
C TYR A 173 20.84 2.62 0.67
N SER A 174 20.35 1.40 0.86
CA SER A 174 21.19 0.20 1.10
C SER A 174 21.67 -0.38 -0.24
N GLY A 175 20.98 -0.07 -1.33
CA GLY A 175 21.22 -0.80 -2.60
C GLY A 175 20.56 -2.16 -2.63
N GLY A 176 19.82 -2.54 -1.58
CA GLY A 176 19.16 -3.84 -1.49
C GLY A 176 17.64 -3.74 -1.68
N ASN A 177 17.11 -2.54 -1.93
CA ASN A 177 15.65 -2.36 -2.01
C ASN A 177 15.18 -1.79 -3.36
N ALA A 178 15.84 -2.09 -4.47
CA ALA A 178 15.46 -1.56 -5.79
C ALA A 178 14.23 -2.26 -6.38
N ALA A 179 13.92 -3.46 -5.91
CA ALA A 179 12.87 -4.28 -6.58
C ALA A 179 11.54 -3.56 -6.54
N PRO A 180 10.69 -3.80 -7.55
CA PRO A 180 9.37 -3.16 -7.65
C PRO A 180 8.32 -3.77 -6.70
N LEU A 181 7.24 -3.00 -6.46
CA LEU A 181 5.93 -3.55 -6.07
C LEU A 181 5.20 -3.89 -7.38
N LYS A 182 4.54 -5.05 -7.42
CA LYS A 182 3.77 -5.45 -8.62
C LYS A 182 2.37 -5.84 -8.20
N LEU A 183 1.37 -5.34 -8.90
CA LEU A 183 -0.01 -5.84 -8.73
C LEU A 183 -0.13 -7.20 -9.44
N CYS A 184 -0.49 -8.23 -8.71
CA CYS A 184 -0.55 -9.63 -9.23
C CYS A 184 -1.83 -9.85 -10.00
N PRO A 185 -1.78 -10.68 -11.07
CA PRO A 185 -2.97 -10.94 -11.86
C PRO A 185 -3.94 -11.74 -11.01
N LEU A 186 -5.22 -11.50 -11.30
CA LEU A 186 -6.45 -12.21 -10.87
C LEU A 186 -6.44 -13.64 -11.39
C1 EDO B . 17.51 6.46 -1.51
O1 EDO B . 16.55 5.88 -2.35
C2 EDO B . 17.64 7.92 -1.54
O2 EDO B . 17.60 8.40 -2.86
N1 GX4 C . 15.14 -2.90 -11.67
C4 GX4 C . 15.13 -6.55 -8.15
C5 GX4 C . 14.86 -7.61 -7.31
C6 GX4 C . 15.68 -4.27 -9.76
C7 GX4 C . 15.33 -2.88 -10.23
C8 GX4 C . 13.97 -3.71 -12.00
C10 GX4 C . 16.00 -2.23 -12.50
C13 GX4 C . 16.23 -1.07 -14.76
O GX4 C . 16.91 -1.58 -12.01
C11 GX4 C . 15.89 -2.30 -13.97
C12 GX4 C . 17.15 -2.22 -14.76
C9 GX4 C . 14.11 -5.13 -11.50
N GX4 C . 14.65 -5.25 -10.13
C3 GX4 C . 14.35 -6.32 -9.29
C2 GX4 C . 13.30 -7.20 -9.56
C1 GX4 C . 13.02 -8.26 -8.71
C GX4 C . 13.82 -8.44 -7.61
F GX4 C . 13.55 -9.48 -6.77
N1 EPE D . 6.80 4.14 7.95
C2 EPE D . 7.29 4.73 6.68
C3 EPE D . 7.60 3.70 5.62
N4 EPE D . 8.46 2.61 6.11
C5 EPE D . 7.88 2.01 7.32
C6 EPE D . 7.71 3.05 8.38
C7 EPE D . 8.84 1.62 5.10
C8 EPE D . 8.91 2.16 3.67
O8 EPE D . 9.69 3.34 3.53
C9 EPE D . 6.70 5.16 8.99
C10 EPE D . 5.30 5.38 9.52
S EPE D . 5.25 6.33 11.02
O1S EPE D . 3.85 6.50 11.31
O2S EPE D . 6.09 7.49 10.83
O3S EPE D . 5.90 5.51 12.16
C1 EDO E . 11.67 21.31 5.59
O1 EDO E . 10.81 20.44 4.89
C2 EDO E . 12.41 20.62 6.64
O2 EDO E . 13.39 19.81 6.09
S SO4 F . 2.05 12.99 12.70
O1 SO4 F . 1.69 12.97 11.31
O2 SO4 F . 2.14 14.33 13.16
O3 SO4 F . 1.03 12.29 13.47
O4 SO4 F . 3.31 12.32 12.92
#